data_7E6C
#
_entry.id   7E6C
#
_cell.length_a   92.800
_cell.length_b   92.800
_cell.length_c   128.900
_cell.angle_alpha   90.000
_cell.angle_beta   90.000
_cell.angle_gamma   120.000
#
_symmetry.space_group_name_H-M   'P 31 2 1'
#
loop_
_entity.id
_entity.type
_entity.pdbx_description
1 polymer 'Cysteine desulfurase SufS'
2 non-polymer DI(HYDROXYETHYL)ETHER
3 non-polymer 1,2-ETHANEDIOL
4 non-polymer 'TETRAETHYLENE GLYCOL'
5 non-polymer '(5-hydroxy-6-methyl-4-{[(3-oxo-2,3-dihydro-1,2-oxazol-4-yl)amino]methyl}pyridin-3-yl)methyl dihydrogen phosphate'
6 water water
#
_entity_poly.entity_id   1
_entity_poly.type   'polypeptide(L)'
_entity_poly.pdbx_seq_one_letter_code
;MGHMNITDIREQFPILHQQVNGHDLVYLDSAATSQKPRAVIETLDKYYNQYNSNVHRGVHTLGTRATDGYEGAREKVRKF
INAKSMAEIIFTKGTTTSLNMVALSYARANLKPGDEVVITYMEHHANIIPWQQAVKATGATLKYIPLQEDGTISLEDVRE
TVTSNTKIVAVSHVSNVLGTVNPIKEMAKIAHDNGAVIVVDGAQSTPHMKIDVQDLDCDFFALSSHKMCGPTGVGVLYGK
KALLENMEPAEFGGEMIDFVGLYESTWKELPWKFEAGTPIIAGAIGLGAAIDFLEEIGLDEISRHEHKLAAYALERFRQL
DGVTVYGPEERAGLVTFNLDDVHPHDVATVLDAEGIAVRAGHHAAQPLMKWLDVTATARASFYLYNTEEEIDKLVEALQK
TKEYFTNVFVDLEHHHHHH
;
_entity_poly.pdbx_strand_id   A
#
# COMPACT_ATOMS: atom_id res chain seq x y z
N HIS A 3 22.48 4.41 13.26
CA HIS A 3 21.00 4.54 13.11
C HIS A 3 20.65 5.69 12.18
N MET A 4 19.38 5.75 11.79
CA MET A 4 18.98 6.83 10.94
C MET A 4 18.85 8.08 11.79
N ASN A 5 19.30 9.22 11.23
CA ASN A 5 19.17 10.50 11.88
C ASN A 5 17.89 11.22 11.33
N ILE A 6 16.87 11.47 12.17
CA ILE A 6 15.59 11.91 11.60
C ILE A 6 15.71 13.37 11.16
N THR A 7 16.57 14.19 11.81
CA THR A 7 16.76 15.55 11.34
C THR A 7 17.33 15.57 9.90
N ASP A 8 18.31 14.70 9.64
CA ASP A 8 18.94 14.70 8.33
C ASP A 8 17.91 14.15 7.31
N ILE A 9 17.09 13.17 7.71
CA ILE A 9 16.11 12.61 6.77
C ILE A 9 15.07 13.70 6.48
N ARG A 10 14.58 14.39 7.54
CA ARG A 10 13.54 15.42 7.25
C ARG A 10 14.07 16.55 6.36
N GLU A 11 15.39 16.86 6.45
N GLU A 11 15.38 16.86 6.44
CA GLU A 11 15.90 17.95 5.61
CA GLU A 11 15.89 17.96 5.62
C GLU A 11 15.68 17.64 4.13
C GLU A 11 15.81 17.63 4.12
N GLN A 12 15.61 16.33 3.79
N GLN A 12 15.55 16.38 3.77
CA GLN A 12 15.48 15.91 2.39
CA GLN A 12 15.49 16.08 2.35
C GLN A 12 14.06 16.05 1.83
C GLN A 12 14.07 16.20 1.79
N PHE A 13 13.07 16.41 2.67
CA PHE A 13 11.66 16.48 2.21
C PHE A 13 11.17 17.94 2.29
N PRO A 14 11.29 18.71 1.20
CA PRO A 14 10.95 20.13 1.22
C PRO A 14 9.56 20.37 1.74
N ILE A 15 8.60 19.47 1.42
CA ILE A 15 7.22 19.79 1.76
C ILE A 15 6.99 19.86 3.30
N LEU A 16 7.87 19.26 4.11
CA LEU A 16 7.55 19.23 5.56
C LEU A 16 7.76 20.63 6.14
N HIS A 17 8.51 21.50 5.40
CA HIS A 17 9.00 22.75 6.03
C HIS A 17 8.03 23.87 5.68
N GLN A 18 6.81 23.84 6.20
CA GLN A 18 5.88 24.92 5.97
C GLN A 18 4.84 24.91 7.07
N GLN A 19 4.06 26.00 7.11
CA GLN A 19 3.00 26.04 8.11
C GLN A 19 1.64 25.89 7.45
N VAL A 20 0.69 25.39 8.26
CA VAL A 20 -0.70 25.31 7.81
C VAL A 20 -1.51 26.00 8.94
N ASN A 21 -2.39 26.93 8.62
CA ASN A 21 -3.19 27.66 9.61
C ASN A 21 -2.30 28.29 10.69
N GLY A 22 -1.10 28.73 10.35
CA GLY A 22 -0.23 29.37 11.31
C GLY A 22 0.55 28.43 12.23
N HIS A 23 0.55 27.09 11.97
CA HIS A 23 1.26 26.19 12.85
C HIS A 23 2.15 25.32 11.98
N ASP A 24 3.28 24.88 12.50
CA ASP A 24 4.11 24.00 11.68
C ASP A 24 3.28 22.80 11.26
N LEU A 25 3.45 22.38 9.99
CA LEU A 25 2.74 21.21 9.51
C LEU A 25 3.23 19.99 10.31
N VAL A 26 2.22 19.14 10.65
CA VAL A 26 2.57 17.83 11.23
C VAL A 26 1.80 16.84 10.35
N TYR A 27 2.57 16.23 9.43
CA TYR A 27 1.88 15.37 8.47
C TYR A 27 1.83 13.92 8.96
N LEU A 28 0.62 13.42 9.36
CA LEU A 28 0.51 12.05 9.91
C LEU A 28 -0.49 11.32 9.05
N ASP A 29 -0.26 11.44 7.71
CA ASP A 29 -1.20 10.77 6.79
C ASP A 29 -0.44 10.01 5.68
N SER A 30 0.66 9.34 6.04
CA SER A 30 1.48 8.68 5.00
C SER A 30 0.83 7.38 4.57
N ALA A 31 -0.09 6.79 5.37
CA ALA A 31 -0.84 5.64 4.84
C ALA A 31 -1.79 6.06 3.72
N ALA A 32 -2.19 7.37 3.64
CA ALA A 32 -2.93 7.79 2.44
C ALA A 32 -1.94 8.11 1.30
N THR A 33 -0.90 8.88 1.57
CA THR A 33 0.16 8.94 0.55
C THR A 33 1.41 9.48 1.25
N SER A 34 2.58 9.10 0.74
CA SER A 34 3.83 9.57 1.38
C SER A 34 4.35 10.84 0.67
N GLN A 35 5.26 11.50 1.40
CA GLN A 35 5.95 12.67 0.86
C GLN A 35 7.24 12.20 0.17
N LYS A 36 7.83 13.07 -0.70
CA LYS A 36 8.97 12.66 -1.48
C LYS A 36 10.22 13.45 -1.14
N PRO A 37 11.39 12.77 -1.16
CA PRO A 37 12.69 13.43 -0.89
C PRO A 37 13.15 14.10 -2.18
N ARG A 38 14.05 15.08 -2.04
N ARG A 38 14.04 15.09 -2.03
CA ARG A 38 14.58 15.75 -3.24
CA ARG A 38 14.66 15.75 -3.18
C ARG A 38 15.20 14.74 -4.20
C ARG A 38 15.18 14.73 -4.18
N ALA A 39 15.79 13.63 -3.72
CA ALA A 39 16.38 12.70 -4.71
C ALA A 39 15.33 12.20 -5.74
N VAL A 40 14.08 12.00 -5.30
CA VAL A 40 13.06 11.53 -6.25
C VAL A 40 12.59 12.70 -7.13
N ILE A 41 12.31 13.87 -6.52
CA ILE A 41 11.78 14.95 -7.35
C ILE A 41 12.84 15.38 -8.38
N GLU A 42 14.13 15.41 -7.95
CA GLU A 42 15.16 15.83 -8.89
C GLU A 42 15.39 14.73 -9.95
N THR A 43 15.04 13.45 -9.64
CA THR A 43 15.14 12.41 -10.70
C THR A 43 14.12 12.73 -11.81
N LEU A 44 12.88 13.08 -11.42
CA LEU A 44 11.89 13.43 -12.45
C LEU A 44 12.38 14.66 -13.22
N ASP A 45 12.92 15.70 -12.48
CA ASP A 45 13.39 16.88 -13.21
C ASP A 45 14.48 16.54 -14.21
N LYS A 46 15.44 15.72 -13.77
CA LYS A 46 16.53 15.39 -14.67
C LYS A 46 16.03 14.60 -15.89
N TYR A 47 15.03 13.73 -15.66
CA TYR A 47 14.46 13.05 -16.84
C TYR A 47 13.86 14.04 -17.83
N TYR A 48 12.94 14.92 -17.34
CA TYR A 48 12.29 15.76 -18.33
C TYR A 48 13.24 16.83 -18.87
N ASN A 49 14.26 17.23 -18.08
CA ASN A 49 15.17 18.30 -18.56
C ASN A 49 16.24 17.72 -19.47
N GLN A 50 16.51 16.40 -19.43
CA GLN A 50 17.72 15.93 -20.11
C GLN A 50 17.50 14.74 -21.05
N TYR A 51 16.64 13.78 -20.74
CA TYR A 51 16.71 12.55 -21.56
C TYR A 51 15.31 11.92 -21.84
N ASN A 52 14.22 12.69 -21.68
CA ASN A 52 12.89 12.16 -22.09
C ASN A 52 12.89 11.80 -23.58
N SER A 53 12.32 10.61 -23.84
CA SER A 53 12.08 10.12 -25.21
C SER A 53 11.25 8.86 -24.97
N ASN A 54 10.66 8.32 -26.06
CA ASN A 54 9.92 7.07 -25.88
C ASN A 54 10.91 5.91 -25.82
N VAL A 55 10.46 4.74 -25.34
CA VAL A 55 11.41 3.68 -25.00
C VAL A 55 11.25 2.49 -25.94
N HIS A 56 12.32 1.69 -26.00
CA HIS A 56 12.34 0.38 -26.69
C HIS A 56 12.29 0.63 -28.21
N ARG A 57 13.00 1.67 -28.65
CA ARG A 57 13.34 1.84 -30.07
C ARG A 57 14.76 1.31 -30.30
N GLY A 58 15.75 1.76 -29.50
CA GLY A 58 17.16 1.51 -29.78
C GLY A 58 17.59 2.23 -31.07
N VAL A 59 17.13 3.47 -31.25
CA VAL A 59 17.26 4.14 -32.52
C VAL A 59 18.11 5.42 -32.36
N HIS A 60 17.84 6.18 -31.28
CA HIS A 60 18.51 7.46 -31.09
C HIS A 60 18.96 7.66 -29.64
N THR A 61 19.92 8.55 -29.43
CA THR A 61 20.65 8.59 -28.16
C THR A 61 19.68 8.83 -26.98
N LEU A 62 18.84 9.87 -27.06
CA LEU A 62 17.96 10.06 -25.89
C LEU A 62 17.02 8.86 -25.72
N GLY A 63 16.54 8.26 -26.80
CA GLY A 63 15.68 7.09 -26.71
C GLY A 63 16.39 5.97 -25.93
N THR A 64 17.70 5.79 -26.22
CA THR A 64 18.42 4.75 -25.52
C THR A 64 18.55 5.06 -24.03
N ARG A 65 18.80 6.32 -23.68
CA ARG A 65 18.94 6.77 -22.29
C ARG A 65 17.62 6.53 -21.55
N ALA A 66 16.52 6.92 -22.21
CA ALA A 66 15.22 6.74 -21.50
C ALA A 66 14.96 5.23 -21.31
N THR A 67 15.25 4.40 -22.34
CA THR A 67 14.99 2.98 -22.22
C THR A 67 15.86 2.39 -21.10
N ASP A 68 17.15 2.77 -21.07
CA ASP A 68 18.04 2.23 -20.03
C ASP A 68 17.55 2.68 -18.64
N GLY A 69 16.99 3.91 -18.53
CA GLY A 69 16.45 4.33 -17.24
C GLY A 69 15.23 3.52 -16.83
N TYR A 70 14.35 3.25 -17.80
CA TYR A 70 13.08 2.58 -17.46
C TYR A 70 13.41 1.10 -17.09
N GLU A 71 14.18 0.40 -17.97
CA GLU A 71 14.42 -0.99 -17.63
C GLU A 71 15.39 -1.10 -16.44
N GLY A 72 16.26 -0.09 -16.24
CA GLY A 72 17.09 -0.08 -15.02
C GLY A 72 16.21 -0.02 -13.79
N ALA A 73 15.11 0.78 -13.87
CA ALA A 73 14.27 0.87 -12.69
C ALA A 73 13.57 -0.50 -12.45
N ARG A 74 13.25 -1.24 -13.54
CA ARG A 74 12.65 -2.57 -13.38
C ARG A 74 13.59 -3.48 -12.59
N GLU A 75 14.90 -3.38 -12.87
CA GLU A 75 15.84 -4.26 -12.15
C GLU A 75 15.93 -3.79 -10.68
N LYS A 76 15.90 -2.47 -10.46
CA LYS A 76 15.88 -2.01 -9.04
C LYS A 76 14.68 -2.59 -8.33
N VAL A 77 13.48 -2.64 -8.95
CA VAL A 77 12.35 -3.21 -8.24
C VAL A 77 12.57 -4.71 -7.98
N ARG A 78 13.04 -5.38 -9.03
CA ARG A 78 13.30 -6.82 -8.81
C ARG A 78 14.18 -7.07 -7.60
N LYS A 79 15.29 -6.34 -7.53
CA LYS A 79 16.19 -6.58 -6.40
C LYS A 79 15.51 -6.20 -5.09
N PHE A 80 14.82 -5.05 -5.13
CA PHE A 80 14.13 -4.52 -3.92
C PHE A 80 13.15 -5.52 -3.28
N ILE A 81 12.35 -6.29 -4.04
CA ILE A 81 11.45 -7.31 -3.46
C ILE A 81 12.01 -8.76 -3.56
N ASN A 82 13.26 -8.86 -4.05
CA ASN A 82 13.99 -10.14 -4.18
C ASN A 82 13.23 -11.10 -5.09
N ALA A 83 12.63 -10.58 -6.20
CA ALA A 83 12.11 -11.47 -7.24
C ALA A 83 13.28 -12.17 -7.94
N LYS A 84 13.00 -13.34 -8.58
CA LYS A 84 14.08 -14.02 -9.32
C LYS A 84 14.39 -13.33 -10.66
N SER A 85 13.37 -12.73 -11.29
CA SER A 85 13.58 -12.24 -12.64
C SER A 85 12.81 -10.92 -12.90
N MET A 86 13.37 -10.09 -13.78
CA MET A 86 12.64 -8.92 -14.30
C MET A 86 11.39 -9.33 -15.05
N ALA A 87 11.34 -10.60 -15.57
CA ALA A 87 10.09 -10.99 -16.24
C ALA A 87 8.90 -11.05 -15.30
N GLU A 88 9.16 -11.09 -13.96
CA GLU A 88 8.12 -11.19 -12.98
C GLU A 88 7.71 -9.77 -12.46
N ILE A 89 8.34 -8.72 -13.00
CA ILE A 89 8.06 -7.35 -12.45
C ILE A 89 7.32 -6.58 -13.55
N ILE A 90 6.04 -6.33 -13.34
CA ILE A 90 5.27 -5.57 -14.34
C ILE A 90 5.00 -4.17 -13.71
N PHE A 91 5.26 -3.14 -14.50
CA PHE A 91 4.88 -1.80 -14.08
C PHE A 91 3.39 -1.56 -14.39
N THR A 92 2.68 -1.05 -13.37
CA THR A 92 1.25 -0.71 -13.55
C THR A 92 0.98 0.70 -13.07
N LYS A 93 -0.35 1.09 -13.07
CA LYS A 93 -0.63 2.42 -12.52
C LYS A 93 -0.71 2.41 -10.99
N GLY A 94 -0.71 1.26 -10.30
CA GLY A 94 -0.83 1.30 -8.84
C GLY A 94 -1.29 -0.06 -8.33
N THR A 95 -1.39 -0.18 -7.00
CA THR A 95 -1.77 -1.47 -6.43
C THR A 95 -3.16 -1.85 -6.98
N THR A 96 -4.10 -0.92 -7.02
CA THR A 96 -5.44 -1.26 -7.43
C THR A 96 -5.43 -1.85 -8.84
N THR A 97 -4.76 -1.21 -9.79
CA THR A 97 -4.72 -1.83 -11.13
C THR A 97 -4.00 -3.19 -11.07
N SER A 98 -2.88 -3.36 -10.33
CA SER A 98 -2.20 -4.67 -10.26
C SER A 98 -3.20 -5.73 -9.80
N LEU A 99 -3.97 -5.44 -8.71
CA LEU A 99 -4.91 -6.50 -8.25
C LEU A 99 -6.02 -6.78 -9.26
N ASN A 100 -6.48 -5.74 -9.92
CA ASN A 100 -7.44 -5.93 -11.02
C ASN A 100 -6.90 -6.80 -12.15
N MET A 101 -5.59 -6.66 -12.46
CA MET A 101 -5.00 -7.48 -13.53
C MET A 101 -5.09 -8.94 -13.12
N VAL A 102 -4.76 -9.24 -11.86
CA VAL A 102 -4.83 -10.63 -11.44
C VAL A 102 -6.28 -11.11 -11.52
N ALA A 103 -7.26 -10.30 -11.08
CA ALA A 103 -8.62 -10.77 -11.06
C ALA A 103 -9.10 -10.99 -12.49
N LEU A 104 -8.70 -10.10 -13.44
CA LEU A 104 -9.16 -10.26 -14.81
C LEU A 104 -8.42 -11.39 -15.53
N SER A 105 -7.09 -11.42 -15.50
CA SER A 105 -6.31 -12.35 -16.30
C SER A 105 -6.13 -13.71 -15.62
N TYR A 106 -6.06 -13.77 -14.28
CA TYR A 106 -5.87 -15.05 -13.63
C TYR A 106 -7.24 -15.55 -13.17
N ALA A 107 -7.96 -14.77 -12.33
CA ALA A 107 -9.17 -15.34 -11.70
C ALA A 107 -10.22 -15.66 -12.75
N ARG A 108 -10.58 -14.71 -13.62
CA ARG A 108 -11.67 -14.92 -14.59
C ARG A 108 -11.35 -16.07 -15.54
N ALA A 109 -10.07 -16.42 -15.69
CA ALA A 109 -9.67 -17.50 -16.59
C ALA A 109 -9.62 -18.85 -15.87
N ASN A 110 -9.61 -18.88 -14.54
CA ASN A 110 -9.36 -20.09 -13.78
C ASN A 110 -10.46 -20.32 -12.75
N LEU A 111 -11.59 -19.60 -12.81
CA LEU A 111 -12.59 -19.99 -11.78
C LEU A 111 -13.78 -20.65 -12.49
N LYS A 112 -14.40 -21.62 -11.79
CA LYS A 112 -15.60 -22.24 -12.32
C LYS A 112 -16.60 -22.38 -11.16
N PRO A 113 -17.91 -22.69 -11.41
CA PRO A 113 -18.82 -22.93 -10.28
C PRO A 113 -18.25 -23.98 -9.32
N GLY A 114 -18.36 -23.73 -8.01
CA GLY A 114 -17.81 -24.61 -7.01
C GLY A 114 -16.45 -24.16 -6.48
N ASP A 115 -15.66 -23.42 -7.29
CA ASP A 115 -14.41 -22.80 -6.85
C ASP A 115 -14.66 -21.63 -5.88
N GLU A 116 -13.65 -21.40 -5.02
CA GLU A 116 -13.80 -20.34 -4.06
C GLU A 116 -12.59 -19.38 -4.16
N VAL A 117 -12.93 -18.11 -3.89
CA VAL A 117 -11.90 -17.09 -3.65
C VAL A 117 -12.05 -16.75 -2.18
N VAL A 118 -10.94 -16.79 -1.43
CA VAL A 118 -11.04 -16.51 -0.01
C VAL A 118 -10.29 -15.19 0.30
N ILE A 119 -10.99 -14.24 0.93
CA ILE A 119 -10.40 -12.97 1.37
C ILE A 119 -10.62 -12.82 2.88
N THR A 120 -10.45 -11.62 3.43
CA THR A 120 -10.57 -11.42 4.87
C THR A 120 -11.40 -10.18 5.11
N TYR A 121 -11.97 -10.05 6.33
CA TYR A 121 -12.79 -8.88 6.60
C TYR A 121 -11.99 -7.60 6.68
N MET A 122 -10.64 -7.68 6.77
CA MET A 122 -9.92 -6.41 6.97
C MET A 122 -9.48 -5.84 5.60
N GLU A 123 -9.82 -6.51 4.50
CA GLU A 123 -9.24 -6.04 3.20
C GLU A 123 -9.69 -4.63 2.85
N HIS A 124 -8.76 -3.89 2.19
CA HIS A 124 -9.09 -2.67 1.46
C HIS A 124 -9.95 -3.03 0.24
N HIS A 125 -10.80 -2.09 -0.14
CA HIS A 125 -11.67 -2.33 -1.30
C HIS A 125 -10.90 -2.78 -2.56
N ALA A 126 -9.64 -2.33 -2.73
CA ALA A 126 -8.94 -2.71 -3.95
C ALA A 126 -8.71 -4.23 -3.94
N ASN A 127 -8.76 -4.87 -2.73
CA ASN A 127 -8.55 -6.30 -2.67
C ASN A 127 -9.89 -6.97 -2.21
N ILE A 128 -11.02 -6.34 -2.56
CA ILE A 128 -12.37 -6.92 -2.39
C ILE A 128 -13.14 -6.88 -3.70
N ILE A 129 -13.32 -5.68 -4.27
CA ILE A 129 -14.28 -5.51 -5.35
C ILE A 129 -13.81 -6.30 -6.56
N PRO A 130 -12.50 -6.36 -6.96
CA PRO A 130 -12.17 -7.16 -8.14
C PRO A 130 -12.58 -8.63 -8.02
N TRP A 131 -12.48 -9.16 -6.78
CA TRP A 131 -12.83 -10.57 -6.54
C TRP A 131 -14.36 -10.72 -6.57
N GLN A 132 -15.08 -9.75 -5.99
CA GLN A 132 -16.56 -9.80 -6.09
C GLN A 132 -16.94 -9.93 -7.56
N GLN A 133 -16.28 -9.13 -8.43
CA GLN A 133 -16.68 -9.13 -9.83
C GLN A 133 -16.24 -10.39 -10.53
N ALA A 134 -15.07 -10.93 -10.15
CA ALA A 134 -14.56 -12.11 -10.84
C ALA A 134 -15.44 -13.32 -10.45
N VAL A 135 -15.85 -13.37 -9.19
CA VAL A 135 -16.70 -14.51 -8.81
C VAL A 135 -18.06 -14.40 -9.48
N LYS A 136 -18.62 -13.18 -9.55
CA LYS A 136 -19.89 -12.99 -10.23
C LYS A 136 -19.80 -13.41 -11.70
N ALA A 137 -18.70 -13.09 -12.35
CA ALA A 137 -18.52 -13.38 -13.76
C ALA A 137 -18.39 -14.89 -14.00
N THR A 138 -17.94 -15.67 -13.02
CA THR A 138 -17.53 -17.04 -13.24
C THR A 138 -18.53 -18.02 -12.56
N GLY A 139 -19.44 -17.50 -11.71
CA GLY A 139 -20.28 -18.38 -10.89
C GLY A 139 -19.54 -19.07 -9.75
N ALA A 140 -18.34 -18.61 -9.37
CA ALA A 140 -17.63 -19.10 -8.20
C ALA A 140 -18.21 -18.50 -6.90
N THR A 141 -17.56 -18.74 -5.75
CA THR A 141 -18.05 -18.33 -4.45
C THR A 141 -16.96 -17.46 -3.80
N LEU A 142 -17.38 -16.38 -3.17
CA LEU A 142 -16.45 -15.60 -2.34
C LEU A 142 -16.67 -15.96 -0.87
N LYS A 143 -15.57 -16.19 -0.11
CA LYS A 143 -15.63 -16.44 1.32
C LYS A 143 -14.64 -15.55 2.07
N TYR A 144 -14.95 -15.30 3.34
CA TYR A 144 -14.19 -14.41 4.19
C TYR A 144 -13.59 -15.14 5.35
N ILE A 145 -12.27 -15.08 5.55
CA ILE A 145 -11.64 -15.50 6.81
C ILE A 145 -12.06 -14.55 7.92
N PRO A 146 -12.58 -15.05 9.07
CA PRO A 146 -12.93 -14.16 10.18
C PRO A 146 -11.70 -13.63 10.92
N LEU A 147 -11.91 -12.58 11.74
CA LEU A 147 -10.83 -11.99 12.50
C LEU A 147 -10.97 -12.37 14.00
N GLN A 148 -9.84 -12.40 14.70
CA GLN A 148 -9.88 -12.47 16.14
C GLN A 148 -10.30 -11.12 16.72
N GLU A 149 -10.58 -11.09 18.04
CA GLU A 149 -11.16 -9.88 18.57
C GLU A 149 -10.18 -8.71 18.60
N ASP A 150 -8.87 -8.93 18.53
CA ASP A 150 -7.94 -7.82 18.43
C ASP A 150 -7.65 -7.42 16.95
N GLY A 151 -8.41 -7.98 15.99
CA GLY A 151 -8.19 -7.63 14.55
C GLY A 151 -6.98 -8.34 13.92
N THR A 152 -6.52 -9.49 14.46
CA THR A 152 -5.59 -10.38 13.80
C THR A 152 -6.29 -11.59 13.21
N ILE A 153 -5.51 -12.38 12.46
CA ILE A 153 -6.06 -13.56 11.80
C ILE A 153 -5.41 -14.78 12.42
N SER A 154 -6.23 -15.78 12.80
CA SER A 154 -5.52 -16.97 13.28
C SER A 154 -5.32 -18.00 12.19
N LEU A 155 -4.17 -18.70 12.18
CA LEU A 155 -3.95 -19.68 11.13
C LEU A 155 -4.96 -20.82 11.19
N GLU A 156 -5.58 -21.09 12.37
CA GLU A 156 -6.64 -22.08 12.38
C GLU A 156 -7.89 -21.64 11.64
N ASP A 157 -8.24 -20.36 11.73
CA ASP A 157 -9.35 -19.86 10.94
C ASP A 157 -9.05 -19.88 9.43
N VAL A 158 -7.79 -19.67 9.08
CA VAL A 158 -7.39 -19.74 7.69
C VAL A 158 -7.59 -21.19 7.18
N ARG A 159 -7.08 -22.14 7.97
CA ARG A 159 -7.15 -23.55 7.60
C ARG A 159 -8.63 -23.97 7.51
N GLU A 160 -9.49 -23.42 8.36
CA GLU A 160 -10.91 -23.77 8.30
C GLU A 160 -11.56 -23.20 7.05
N THR A 161 -11.18 -21.97 6.64
CA THR A 161 -11.95 -21.29 5.60
C THR A 161 -11.45 -21.73 4.22
N VAL A 162 -10.15 -21.99 4.11
CA VAL A 162 -9.57 -22.40 2.85
C VAL A 162 -9.80 -23.91 2.70
N THR A 163 -10.32 -24.32 1.55
CA THR A 163 -10.62 -25.75 1.36
C THR A 163 -9.97 -26.24 0.07
N SER A 164 -10.21 -27.53 -0.23
CA SER A 164 -9.65 -28.00 -1.50
C SER A 164 -10.43 -27.47 -2.69
N ASN A 165 -11.56 -26.74 -2.47
CA ASN A 165 -12.19 -26.04 -3.59
C ASN A 165 -11.65 -24.57 -3.72
N THR A 166 -10.79 -24.13 -2.81
CA THR A 166 -10.30 -22.75 -2.90
C THR A 166 -9.26 -22.67 -4.05
N LYS A 167 -9.38 -21.67 -4.94
CA LYS A 167 -8.40 -21.51 -6.01
C LYS A 167 -7.51 -20.27 -5.77
N ILE A 168 -8.00 -19.34 -4.97
CA ILE A 168 -7.28 -18.06 -4.78
C ILE A 168 -7.54 -17.64 -3.33
N VAL A 169 -6.45 -17.29 -2.59
CA VAL A 169 -6.58 -16.62 -1.31
C VAL A 169 -5.96 -15.22 -1.56
N ALA A 170 -6.71 -14.17 -1.17
CA ALA A 170 -6.16 -12.82 -1.41
C ALA A 170 -6.21 -12.11 -0.06
N VAL A 171 -5.06 -11.47 0.32
CA VAL A 171 -4.99 -10.99 1.70
C VAL A 171 -3.99 -9.85 1.74
N SER A 172 -4.22 -8.87 2.65
N SER A 172 -4.21 -8.95 2.71
CA SER A 172 -3.24 -7.83 2.80
CA SER A 172 -3.30 -7.86 2.96
C SER A 172 -2.06 -8.28 3.64
C SER A 172 -2.02 -8.35 3.67
N HIS A 173 -0.89 -7.79 3.26
CA HIS A 173 0.32 -7.96 4.07
C HIS A 173 0.18 -7.20 5.39
N VAL A 174 -0.13 -5.90 5.29
CA VAL A 174 -0.37 -5.09 6.48
C VAL A 174 -1.68 -4.32 6.21
N SER A 175 -2.53 -4.22 7.25
CA SER A 175 -3.79 -3.52 7.12
C SER A 175 -3.54 -2.01 7.27
N ASN A 176 -4.16 -1.21 6.39
CA ASN A 176 -4.02 0.24 6.44
C ASN A 176 -4.97 0.81 7.51
N VAL A 177 -5.71 -0.05 8.27
CA VAL A 177 -6.59 0.50 9.31
C VAL A 177 -6.18 -0.06 10.69
N LEU A 178 -5.89 -1.36 10.75
CA LEU A 178 -5.68 -2.02 12.07
C LEU A 178 -4.19 -1.95 12.37
N GLY A 179 -3.31 -1.80 11.33
CA GLY A 179 -1.86 -1.93 11.54
C GLY A 179 -1.37 -3.37 11.67
N THR A 180 -2.32 -4.30 11.60
CA THR A 180 -1.97 -5.71 11.73
C THR A 180 -1.00 -6.14 10.62
N VAL A 181 0.02 -6.91 11.00
CA VAL A 181 0.89 -7.51 10.01
C VAL A 181 0.44 -8.96 9.89
N ASN A 182 -0.03 -9.39 8.71
CA ASN A 182 -0.64 -10.71 8.60
C ASN A 182 0.43 -11.73 8.36
N PRO A 183 0.20 -13.01 8.80
CA PRO A 183 1.22 -14.05 8.64
C PRO A 183 1.23 -14.65 7.24
N ILE A 184 1.69 -13.83 6.26
CA ILE A 184 1.57 -14.22 4.86
C ILE A 184 2.35 -15.47 4.52
N LYS A 185 3.58 -15.64 5.03
CA LYS A 185 4.36 -16.82 4.63
C LYS A 185 3.58 -18.10 5.06
N GLU A 186 2.97 -18.06 6.26
CA GLU A 186 2.23 -19.27 6.72
C GLU A 186 0.94 -19.44 5.94
N MET A 187 0.25 -18.31 5.62
CA MET A 187 -0.94 -18.40 4.80
C MET A 187 -0.62 -18.88 3.39
N ALA A 188 0.57 -18.57 2.85
CA ALA A 188 0.89 -19.06 1.50
C ALA A 188 1.06 -20.59 1.57
N LYS A 189 1.64 -21.10 2.67
CA LYS A 189 1.74 -22.57 2.83
C LYS A 189 0.33 -23.19 2.81
N ILE A 190 -0.61 -22.61 3.54
CA ILE A 190 -1.94 -23.16 3.62
C ILE A 190 -2.66 -23.13 2.29
N ALA A 191 -2.55 -21.98 1.58
CA ALA A 191 -3.14 -21.92 0.28
C ALA A 191 -2.56 -23.02 -0.61
N HIS A 192 -1.21 -23.14 -0.65
CA HIS A 192 -0.60 -24.04 -1.61
C HIS A 192 -0.97 -25.50 -1.24
N ASP A 193 -1.04 -25.79 0.05
CA ASP A 193 -1.44 -27.14 0.51
C ASP A 193 -2.83 -27.46 0.02
N ASN A 194 -3.69 -26.49 -0.23
CA ASN A 194 -5.04 -26.73 -0.71
C ASN A 194 -5.20 -26.59 -2.19
N GLY A 195 -4.11 -26.29 -2.91
CA GLY A 195 -4.16 -26.19 -4.35
C GLY A 195 -4.48 -24.79 -4.87
N ALA A 196 -4.37 -23.81 -3.98
CA ALA A 196 -4.73 -22.42 -4.39
C ALA A 196 -3.46 -21.61 -4.60
N VAL A 197 -3.58 -20.45 -5.32
CA VAL A 197 -2.52 -19.44 -5.24
C VAL A 197 -2.88 -18.40 -4.18
N ILE A 198 -1.87 -17.60 -3.76
CA ILE A 198 -2.11 -16.49 -2.80
C ILE A 198 -1.68 -15.16 -3.50
N VAL A 199 -2.56 -14.18 -3.33
CA VAL A 199 -2.35 -12.86 -3.93
C VAL A 199 -2.19 -11.93 -2.75
N VAL A 200 -1.04 -11.22 -2.69
CA VAL A 200 -0.83 -10.43 -1.49
C VAL A 200 -0.91 -8.93 -1.85
N ASP A 201 -1.74 -8.20 -1.10
CA ASP A 201 -1.84 -6.72 -1.27
C ASP A 201 -0.75 -6.14 -0.37
N GLY A 202 0.33 -5.70 -1.01
CA GLY A 202 1.50 -5.18 -0.34
C GLY A 202 1.51 -3.63 -0.34
N ALA A 203 0.38 -2.95 -0.52
CA ALA A 203 0.46 -1.46 -0.65
C ALA A 203 0.98 -0.81 0.65
N GLN A 204 0.57 -1.38 1.82
CA GLN A 204 0.97 -0.74 3.10
C GLN A 204 2.21 -1.42 3.70
N SER A 205 2.62 -2.63 3.23
CA SER A 205 3.83 -3.20 3.78
C SER A 205 5.09 -2.69 3.08
N THR A 206 5.09 -2.67 1.71
CA THR A 206 6.31 -2.38 0.97
C THR A 206 7.02 -1.08 1.34
N PRO A 207 6.35 0.05 1.67
CA PRO A 207 7.08 1.27 1.97
C PRO A 207 7.81 1.20 3.34
N HIS A 208 7.43 0.22 4.18
CA HIS A 208 7.71 0.36 5.64
C HIS A 208 8.50 -0.84 6.18
N MET A 209 8.63 -1.91 5.40
CA MET A 209 9.37 -3.10 5.90
C MET A 209 9.93 -3.83 4.68
N LYS A 210 11.02 -4.58 4.93
CA LYS A 210 11.66 -5.29 3.78
C LYS A 210 10.67 -6.32 3.27
N ILE A 211 10.64 -6.50 1.93
CA ILE A 211 9.77 -7.50 1.28
C ILE A 211 10.71 -8.52 0.61
N ASP A 212 10.46 -9.80 0.84
CA ASP A 212 11.28 -10.79 0.12
C ASP A 212 10.29 -11.86 -0.40
N VAL A 213 9.93 -11.74 -1.69
CA VAL A 213 8.85 -12.56 -2.25
C VAL A 213 9.30 -14.07 -2.30
N GLN A 214 10.60 -14.33 -2.14
N GLN A 214 10.59 -14.36 -2.18
CA GLN A 214 11.05 -15.74 -2.23
CA GLN A 214 11.00 -15.79 -2.14
C GLN A 214 10.91 -16.38 -0.83
C GLN A 214 10.59 -16.35 -0.79
N ASP A 215 10.96 -15.58 0.27
CA ASP A 215 10.67 -16.01 1.63
C ASP A 215 9.16 -16.10 1.80
N LEU A 216 8.39 -15.09 1.37
CA LEU A 216 6.95 -15.13 1.50
C LEU A 216 6.37 -16.30 0.69
N ASP A 217 6.98 -16.61 -0.47
CA ASP A 217 6.46 -17.56 -1.46
C ASP A 217 5.07 -17.11 -1.95
N CYS A 218 4.83 -15.78 -2.08
CA CYS A 218 3.52 -15.40 -2.58
C CYS A 218 3.50 -15.62 -4.11
N ASP A 219 2.32 -15.92 -4.65
CA ASP A 219 2.21 -16.09 -6.11
C ASP A 219 2.10 -14.74 -6.81
N PHE A 220 1.45 -13.76 -6.14
CA PHE A 220 1.33 -12.44 -6.77
C PHE A 220 1.52 -11.46 -5.61
N PHE A 221 2.07 -10.27 -5.93
CA PHE A 221 2.26 -9.28 -4.84
C PHE A 221 2.09 -7.93 -5.54
N ALA A 222 1.32 -7.03 -4.92
CA ALA A 222 1.02 -5.75 -5.57
C ALA A 222 1.44 -4.58 -4.64
N LEU A 223 1.95 -3.46 -5.22
CA LEU A 223 2.40 -2.35 -4.40
C LEU A 223 2.23 -1.05 -5.22
N SER A 224 2.26 0.10 -4.46
CA SER A 224 2.06 1.40 -5.05
C SER A 224 3.28 2.30 -4.73
N SER A 225 3.78 2.97 -5.80
CA SER A 225 4.89 3.91 -5.65
C SER A 225 4.51 5.11 -4.73
N HIS A 226 3.24 5.55 -4.79
CA HIS A 226 3.03 6.86 -4.11
C HIS A 226 3.06 6.69 -2.58
N LYS A 227 2.92 5.47 -2.08
CA LYS A 227 3.07 5.30 -0.62
C LYS A 227 4.51 5.08 -0.14
N MET A 228 5.49 4.92 -1.06
CA MET A 228 6.87 4.56 -0.72
C MET A 228 7.85 5.59 -1.29
N CYS A 229 7.53 6.90 -1.09
CA CYS A 229 8.37 8.05 -1.42
C CYS A 229 8.52 8.19 -2.96
N GLY A 230 7.65 7.51 -3.72
CA GLY A 230 7.88 7.61 -5.19
C GLY A 230 6.75 8.40 -5.85
N PRO A 231 6.81 8.59 -7.22
CA PRO A 231 5.82 9.46 -7.89
C PRO A 231 4.43 8.76 -7.83
N THR A 232 3.42 9.63 -8.00
CA THR A 232 2.08 9.07 -8.21
C THR A 232 1.90 8.37 -9.57
N GLY A 233 0.84 7.54 -9.66
CA GLY A 233 0.47 7.00 -10.99
C GLY A 233 1.28 5.73 -11.32
N VAL A 234 2.06 5.17 -10.36
CA VAL A 234 2.80 3.96 -10.76
CA VAL A 234 2.93 4.03 -10.68
C VAL A 234 2.77 2.93 -9.65
N GLY A 235 2.77 1.67 -10.07
CA GLY A 235 2.81 0.58 -9.10
C GLY A 235 3.49 -0.61 -9.77
N VAL A 236 3.47 -1.71 -9.01
CA VAL A 236 4.06 -2.91 -9.62
C VAL A 236 3.12 -4.06 -9.33
N LEU A 237 3.08 -4.98 -10.31
CA LEU A 237 2.56 -6.33 -10.04
C LEU A 237 3.74 -7.30 -10.21
N TYR A 238 3.98 -8.01 -9.11
CA TYR A 238 4.92 -9.17 -9.19
C TYR A 238 4.04 -10.42 -9.31
N GLY A 239 4.46 -11.29 -10.24
CA GLY A 239 3.80 -12.61 -10.21
C GLY A 239 4.88 -13.66 -10.53
N LYS A 240 4.73 -14.87 -9.96
CA LYS A 240 5.71 -15.91 -10.33
C LYS A 240 5.66 -16.12 -11.84
N LYS A 241 6.84 -16.28 -12.42
CA LYS A 241 6.95 -16.25 -13.87
C LYS A 241 6.07 -17.36 -14.50
N ALA A 242 5.99 -18.56 -13.87
CA ALA A 242 5.21 -19.65 -14.49
C ALA A 242 3.71 -19.27 -14.55
N LEU A 243 3.20 -18.49 -13.56
CA LEU A 243 1.81 -18.08 -13.67
C LEU A 243 1.62 -16.98 -14.69
N LEU A 244 2.56 -15.99 -14.71
CA LEU A 244 2.36 -14.90 -15.71
C LEU A 244 2.45 -15.48 -17.11
N GLU A 245 3.29 -16.50 -17.31
CA GLU A 245 3.48 -17.02 -18.67
C GLU A 245 2.16 -17.56 -19.20
N ASN A 246 1.31 -18.09 -18.33
CA ASN A 246 0.06 -18.70 -18.78
C ASN A 246 -1.14 -17.76 -18.74
N MET A 247 -0.98 -16.53 -18.22
CA MET A 247 -2.11 -15.63 -18.14
C MET A 247 -2.10 -14.81 -19.45
N GLU A 248 -3.28 -14.49 -19.97
CA GLU A 248 -3.35 -13.60 -21.11
C GLU A 248 -3.27 -12.14 -20.61
N PRO A 249 -2.90 -11.20 -21.50
CA PRO A 249 -2.84 -9.79 -21.16
C PRO A 249 -4.16 -9.26 -20.66
N ALA A 250 -4.12 -8.19 -19.82
CA ALA A 250 -5.35 -7.53 -19.38
C ALA A 250 -5.69 -6.35 -20.29
N GLU A 251 -4.71 -5.83 -21.06
CA GLU A 251 -4.91 -4.67 -21.94
C GLU A 251 -4.14 -5.01 -23.20
N PHE A 252 -4.57 -4.41 -24.33
CA PHE A 252 -3.95 -4.81 -25.60
C PHE A 252 -3.59 -3.58 -26.39
N GLY A 253 -2.51 -3.65 -27.18
CA GLY A 253 -2.10 -2.46 -27.92
C GLY A 253 -0.71 -2.62 -28.45
N GLY A 254 -0.10 -1.48 -28.75
CA GLY A 254 1.30 -1.40 -29.13
C GLY A 254 2.17 -1.78 -27.95
N GLU A 255 3.41 -2.17 -28.30
CA GLU A 255 4.46 -2.44 -27.30
C GLU A 255 4.30 -3.84 -26.71
N MET A 256 3.06 -4.39 -26.56
CA MET A 256 2.90 -5.69 -25.92
C MET A 256 2.72 -6.79 -26.99
N ILE A 257 2.74 -6.39 -28.27
CA ILE A 257 2.62 -7.37 -29.37
C ILE A 257 3.96 -7.73 -29.95
N ASP A 258 3.97 -8.91 -30.63
CA ASP A 258 5.05 -9.29 -31.49
C ASP A 258 4.60 -9.18 -32.98
N PHE A 259 3.55 -9.87 -33.37
CA PHE A 259 3.04 -9.81 -34.75
C PHE A 259 1.56 -9.42 -34.67
N VAL A 260 1.10 -8.52 -35.58
CA VAL A 260 -0.31 -8.14 -35.59
C VAL A 260 -0.79 -8.42 -37.04
N GLY A 261 -1.72 -9.34 -37.18
CA GLY A 261 -2.39 -9.49 -38.49
C GLY A 261 -3.74 -8.73 -38.43
N LEU A 262 -4.58 -8.86 -39.49
CA LEU A 262 -5.84 -8.14 -39.45
C LEU A 262 -6.76 -8.59 -38.32
N TYR A 263 -6.75 -9.89 -38.01
CA TYR A 263 -7.73 -10.44 -37.10
C TYR A 263 -7.04 -11.09 -35.87
N GLU A 264 -5.74 -11.42 -35.97
CA GLU A 264 -5.09 -12.15 -34.88
C GLU A 264 -3.74 -11.51 -34.57
N SER A 265 -3.32 -11.58 -33.27
CA SER A 265 -1.98 -11.05 -32.92
C SER A 265 -1.25 -12.00 -32.00
N THR A 266 0.10 -11.87 -31.90
CA THR A 266 0.76 -12.67 -30.86
C THR A 266 1.46 -11.65 -29.91
N TRP A 267 1.82 -12.13 -28.71
CA TRP A 267 2.24 -11.21 -27.65
C TRP A 267 3.75 -11.24 -27.54
N LYS A 268 4.29 -10.15 -26.94
CA LYS A 268 5.70 -10.20 -26.60
C LYS A 268 5.92 -11.11 -25.37
N GLU A 269 7.18 -11.49 -25.13
N GLU A 269 7.18 -11.46 -25.14
CA GLU A 269 7.50 -12.21 -23.90
CA GLU A 269 7.57 -12.16 -23.92
C GLU A 269 7.25 -11.30 -22.67
C GLU A 269 7.32 -11.28 -22.67
N LEU A 270 7.39 -11.94 -21.51
CA LEU A 270 7.29 -11.15 -20.26
C LEU A 270 8.54 -10.30 -20.13
N PRO A 271 8.48 -9.15 -19.39
CA PRO A 271 7.25 -8.66 -18.80
C PRO A 271 6.40 -7.80 -19.73
N TRP A 272 6.90 -7.52 -20.94
CA TRP A 272 6.28 -6.52 -21.80
C TRP A 272 4.90 -6.97 -22.29
N LYS A 273 4.65 -8.27 -22.33
CA LYS A 273 3.31 -8.77 -22.54
C LYS A 273 2.22 -7.98 -21.80
N PHE A 274 2.50 -7.55 -20.53
CA PHE A 274 1.49 -6.94 -19.67
C PHE A 274 1.66 -5.41 -19.66
N GLU A 275 2.46 -4.83 -20.59
CA GLU A 275 2.64 -3.36 -20.54
C GLU A 275 2.24 -2.84 -21.94
N ALA A 276 0.96 -2.51 -22.10
CA ALA A 276 0.47 -2.03 -23.42
C ALA A 276 0.63 -0.51 -23.50
N GLY A 277 1.08 -0.01 -24.65
CA GLY A 277 1.13 1.47 -24.79
C GLY A 277 2.45 2.05 -24.30
N THR A 278 2.61 3.36 -24.55
CA THR A 278 3.82 4.02 -24.04
C THR A 278 3.71 3.89 -22.51
N PRO A 279 4.81 3.51 -21.86
CA PRO A 279 4.71 3.19 -20.42
C PRO A 279 4.87 4.43 -19.60
N ILE A 280 4.87 4.21 -18.26
CA ILE A 280 4.87 5.32 -17.28
C ILE A 280 6.35 5.69 -17.08
N ILE A 281 6.97 6.33 -18.07
CA ILE A 281 8.46 6.23 -18.12
C ILE A 281 9.02 7.02 -16.93
N ALA A 282 8.60 8.31 -16.80
CA ALA A 282 9.28 9.10 -15.74
C ALA A 282 8.93 8.53 -14.38
N GLY A 283 7.65 8.19 -14.16
CA GLY A 283 7.25 7.72 -12.85
C GLY A 283 8.01 6.43 -12.45
N ALA A 284 8.23 5.52 -13.40
CA ALA A 284 8.94 4.29 -13.04
C ALA A 284 10.43 4.63 -12.71
N ILE A 285 11.02 5.58 -13.47
CA ILE A 285 12.41 5.93 -13.14
C ILE A 285 12.43 6.59 -11.74
N GLY A 286 11.43 7.43 -11.44
CA GLY A 286 11.34 8.04 -10.09
C GLY A 286 11.12 7.00 -9.01
N LEU A 287 10.34 5.96 -9.26
CA LEU A 287 10.17 4.88 -8.26
C LEU A 287 11.54 4.15 -8.06
N GLY A 288 12.29 3.99 -9.12
CA GLY A 288 13.66 3.47 -8.95
C GLY A 288 14.50 4.34 -8.02
N ALA A 289 14.42 5.68 -8.17
CA ALA A 289 15.08 6.59 -7.23
C ALA A 289 14.55 6.48 -5.80
N ALA A 290 13.24 6.26 -5.65
CA ALA A 290 12.73 6.12 -4.28
C ALA A 290 13.34 4.88 -3.67
N ILE A 291 13.37 3.77 -4.43
CA ILE A 291 13.96 2.53 -3.89
C ILE A 291 15.46 2.78 -3.57
N ASP A 292 16.18 3.51 -4.38
CA ASP A 292 17.60 3.72 -4.03
C ASP A 292 17.71 4.51 -2.70
N PHE A 293 16.81 5.47 -2.53
CA PHE A 293 16.75 6.30 -1.33
C PHE A 293 16.42 5.47 -0.08
N LEU A 294 15.39 4.63 -0.17
CA LEU A 294 14.98 3.85 0.99
C LEU A 294 16.06 2.80 1.29
N GLU A 295 16.71 2.25 0.27
N GLU A 295 16.69 2.22 0.26
CA GLU A 295 17.70 1.19 0.52
CA GLU A 295 17.70 1.18 0.50
C GLU A 295 18.95 1.78 1.15
C GLU A 295 18.92 1.80 1.16
N GLU A 296 19.24 3.06 0.87
CA GLU A 296 20.42 3.68 1.45
C GLU A 296 20.15 3.90 2.95
N ILE A 297 18.92 4.21 3.32
CA ILE A 297 18.56 4.31 4.74
C ILE A 297 18.51 2.94 5.37
N GLY A 298 17.86 1.98 4.70
CA GLY A 298 17.69 0.60 5.18
C GLY A 298 16.26 0.39 5.58
N LEU A 299 15.54 -0.60 4.98
CA LEU A 299 14.14 -0.89 5.33
C LEU A 299 14.07 -1.38 6.78
N ASP A 300 15.11 -2.09 7.22
CA ASP A 300 14.99 -2.56 8.63
C ASP A 300 15.14 -1.39 9.57
N GLU A 301 15.99 -0.38 9.22
CA GLU A 301 16.09 0.81 10.04
C GLU A 301 14.75 1.55 10.05
N ILE A 302 14.12 1.70 8.87
CA ILE A 302 12.83 2.40 8.88
C ILE A 302 11.79 1.61 9.68
N SER A 303 11.81 0.25 9.63
CA SER A 303 10.83 -0.52 10.39
CA SER A 303 10.84 -0.53 10.39
C SER A 303 11.12 -0.33 11.89
N ARG A 304 12.39 -0.29 12.25
CA ARG A 304 12.69 -0.14 13.72
C ARG A 304 12.21 1.25 14.18
N HIS A 305 12.40 2.31 13.34
CA HIS A 305 11.93 3.62 13.73
C HIS A 305 10.41 3.61 13.93
N GLU A 306 9.68 3.00 12.97
CA GLU A 306 8.23 2.97 13.05
C GLU A 306 7.76 2.11 14.25
N HIS A 307 8.51 1.05 14.60
CA HIS A 307 8.13 0.30 15.81
C HIS A 307 8.21 1.26 17.01
N LYS A 308 9.28 2.02 17.09
CA LYS A 308 9.41 3.01 18.17
C LYS A 308 8.23 3.95 18.21
N LEU A 309 7.91 4.55 17.02
CA LEU A 309 6.84 5.52 16.99
C LEU A 309 5.51 4.84 17.34
N ALA A 310 5.24 3.60 16.89
CA ALA A 310 3.94 3.03 17.17
C ALA A 310 3.85 2.66 18.69
N ALA A 311 4.93 2.13 19.27
CA ALA A 311 4.84 1.80 20.71
C ALA A 311 4.66 3.09 21.51
N TYR A 312 5.31 4.18 21.08
CA TYR A 312 5.14 5.47 21.77
C TYR A 312 3.71 5.96 21.64
N ALA A 313 3.14 5.89 20.40
CA ALA A 313 1.82 6.40 20.22
C ALA A 313 0.83 5.58 21.00
N LEU A 314 0.94 4.26 20.99
CA LEU A 314 -0.10 3.45 21.67
C LEU A 314 -0.06 3.81 23.19
N GLU A 315 1.17 3.99 23.71
CA GLU A 315 1.26 4.32 25.15
C GLU A 315 0.62 5.67 25.44
N ARG A 316 0.94 6.67 24.56
CA ARG A 316 0.41 8.00 24.79
C ARG A 316 -1.12 8.09 24.55
N PHE A 317 -1.63 7.27 23.63
CA PHE A 317 -3.09 7.22 23.43
C PHE A 317 -3.76 6.62 24.68
N ARG A 318 -3.09 5.63 25.32
CA ARG A 318 -3.66 5.05 26.55
C ARG A 318 -3.69 6.05 27.70
N GLN A 319 -2.94 7.15 27.58
CA GLN A 319 -3.02 8.21 28.57
C GLN A 319 -4.27 9.05 28.41
N LEU A 320 -4.96 8.93 27.27
CA LEU A 320 -6.11 9.80 27.02
C LEU A 320 -7.35 9.07 27.48
N ASP A 321 -8.21 9.81 28.18
CA ASP A 321 -9.49 9.21 28.52
CA ASP A 321 -9.52 9.30 28.55
C ASP A 321 -10.45 9.40 27.35
N GLY A 322 -11.31 8.39 27.16
CA GLY A 322 -12.39 8.61 26.20
C GLY A 322 -11.90 8.39 24.73
N VAL A 323 -10.85 7.59 24.53
CA VAL A 323 -10.31 7.38 23.14
C VAL A 323 -10.25 5.88 22.93
N THR A 324 -10.71 5.37 21.77
CA THR A 324 -10.63 3.94 21.50
C THR A 324 -9.66 3.74 20.33
N VAL A 325 -8.71 2.81 20.49
CA VAL A 325 -7.79 2.45 19.42
C VAL A 325 -8.18 1.07 18.91
N TYR A 326 -8.22 0.87 17.57
CA TYR A 326 -8.65 -0.40 17.02
C TYR A 326 -7.41 -1.16 16.57
N GLY A 327 -7.46 -2.47 16.78
CA GLY A 327 -6.42 -3.37 16.31
C GLY A 327 -5.44 -3.82 17.40
N PRO A 328 -4.38 -4.57 17.02
CA PRO A 328 -3.52 -5.29 17.96
C PRO A 328 -2.41 -4.41 18.50
N GLU A 329 -1.78 -4.90 19.59
CA GLU A 329 -0.70 -4.15 20.19
C GLU A 329 0.56 -4.18 19.28
N GLU A 330 0.91 -5.33 18.72
CA GLU A 330 2.06 -5.50 17.83
C GLU A 330 1.59 -5.05 16.43
N ARG A 331 2.20 -3.98 15.90
CA ARG A 331 1.55 -3.38 14.72
C ARG A 331 2.57 -2.57 13.93
N ALA A 332 2.16 -2.25 12.67
CA ALA A 332 2.84 -1.29 11.82
C ALA A 332 2.68 0.13 12.37
N GLY A 333 3.17 1.13 11.60
CA GLY A 333 3.28 2.51 12.13
C GLY A 333 2.04 3.33 11.83
N LEU A 334 0.90 2.97 12.45
CA LEU A 334 -0.33 3.75 12.34
C LEU A 334 -1.28 3.44 13.51
N VAL A 335 -2.13 4.42 13.81
CA VAL A 335 -3.13 4.20 14.86
C VAL A 335 -4.44 4.76 14.31
N THR A 336 -5.45 3.88 14.26
CA THR A 336 -6.80 4.32 13.88
C THR A 336 -7.64 4.33 15.18
N PHE A 337 -8.46 5.35 15.34
CA PHE A 337 -9.03 5.55 16.70
C PHE A 337 -10.36 6.29 16.54
N ASN A 338 -11.10 6.47 17.70
CA ASN A 338 -12.14 7.49 17.66
C ASN A 338 -12.16 8.09 19.06
N LEU A 339 -12.56 9.37 19.12
CA LEU A 339 -12.86 9.98 20.44
C LEU A 339 -14.32 9.70 20.81
N ASP A 340 -14.64 9.30 22.05
N ASP A 340 -14.42 9.33 22.09
CA ASP A 340 -15.94 8.69 22.36
CA ASP A 340 -15.60 9.54 22.90
C ASP A 340 -17.20 9.44 21.91
C ASP A 340 -16.15 10.92 22.67
N ASP A 341 -17.18 10.76 21.91
CA ASP A 341 -18.33 11.61 21.68
C ASP A 341 -18.01 12.63 20.60
N VAL A 342 -16.98 12.40 19.75
CA VAL A 342 -16.72 13.39 18.73
C VAL A 342 -16.63 12.58 17.42
N HIS A 343 -17.35 13.04 16.41
CA HIS A 343 -17.26 12.43 15.09
C HIS A 343 -15.82 12.57 14.57
N PRO A 344 -15.26 11.52 13.91
CA PRO A 344 -13.88 11.57 13.43
C PRO A 344 -13.64 12.67 12.41
N HIS A 345 -14.65 13.04 11.58
CA HIS A 345 -14.45 14.16 10.69
C HIS A 345 -14.21 15.48 11.43
N ASP A 346 -14.93 15.68 12.55
CA ASP A 346 -14.70 16.86 13.33
C ASP A 346 -13.32 16.83 14.03
N VAL A 347 -12.91 15.66 14.50
CA VAL A 347 -11.53 15.51 15.00
C VAL A 347 -10.51 15.93 13.92
N ALA A 348 -10.67 15.43 12.68
CA ALA A 348 -9.69 15.76 11.65
C ALA A 348 -9.70 17.26 11.34
N THR A 349 -10.91 17.88 11.35
CA THR A 349 -11.01 19.31 11.07
C THR A 349 -10.26 20.13 12.15
N VAL A 350 -10.58 19.84 13.42
CA VAL A 350 -9.88 20.55 14.49
C VAL A 350 -8.37 20.36 14.46
N LEU A 351 -7.95 19.11 14.19
N LEU A 351 -7.94 19.10 14.20
CA LEU A 351 -6.50 18.91 14.12
CA LEU A 351 -6.51 18.82 14.08
C LEU A 351 -5.85 19.69 12.96
C LEU A 351 -5.86 19.65 12.97
N ASP A 352 -6.55 19.77 11.82
CA ASP A 352 -5.94 20.53 10.71
C ASP A 352 -5.79 22.00 11.06
N ALA A 353 -6.72 22.54 11.92
CA ALA A 353 -6.54 23.91 12.40
C ALA A 353 -5.29 24.02 13.28
N GLU A 354 -4.77 22.92 13.86
CA GLU A 354 -3.53 22.99 14.62
C GLU A 354 -2.33 22.49 13.77
N GLY A 355 -2.53 22.41 12.45
CA GLY A 355 -1.41 22.11 11.55
C GLY A 355 -1.34 20.59 11.30
N ILE A 356 -2.23 19.80 11.92
CA ILE A 356 -1.94 18.36 11.95
C ILE A 356 -2.80 17.67 10.91
N ALA A 357 -2.15 16.86 10.02
CA ALA A 357 -2.95 16.22 8.99
C ALA A 357 -3.19 14.73 9.31
N VAL A 358 -4.46 14.31 9.51
CA VAL A 358 -4.79 12.92 9.68
C VAL A 358 -5.94 12.63 8.74
N ARG A 359 -6.40 11.39 8.68
CA ARG A 359 -7.52 11.13 7.77
C ARG A 359 -8.71 10.59 8.55
N ALA A 360 -9.94 10.94 8.15
CA ALA A 360 -11.12 10.41 8.84
C ALA A 360 -11.99 9.78 7.77
N GLY A 361 -12.72 8.74 8.09
CA GLY A 361 -13.67 8.15 7.14
C GLY A 361 -13.64 6.63 7.29
N HIS A 362 -13.81 5.89 6.15
CA HIS A 362 -13.85 4.43 6.24
C HIS A 362 -12.52 3.81 5.74
N HIS A 363 -11.61 4.66 5.22
CA HIS A 363 -10.30 4.17 4.79
C HIS A 363 -10.44 3.05 3.77
N ALA A 364 -11.51 3.12 2.93
CA ALA A 364 -11.72 2.14 1.87
C ALA A 364 -11.78 0.73 2.49
N ALA A 365 -12.39 0.62 3.72
CA ALA A 365 -12.56 -0.69 4.28
C ALA A 365 -13.96 -0.70 4.97
N GLN A 366 -15.04 -0.59 4.16
CA GLN A 366 -16.38 -0.56 4.75
C GLN A 366 -16.72 -1.86 5.49
N PRO A 367 -16.43 -3.07 4.96
CA PRO A 367 -16.76 -4.28 5.75
C PRO A 367 -16.00 -4.27 7.06
N LEU A 368 -14.78 -3.73 7.09
CA LEU A 368 -14.05 -3.71 8.34
C LEU A 368 -14.69 -2.73 9.30
N MET A 369 -15.14 -1.57 8.84
CA MET A 369 -15.82 -0.64 9.74
C MET A 369 -17.07 -1.31 10.32
N LYS A 370 -17.76 -2.10 9.50
CA LYS A 370 -18.97 -2.76 10.02
C LYS A 370 -18.59 -3.79 11.08
N TRP A 371 -17.49 -4.51 10.85
CA TRP A 371 -16.97 -5.47 11.81
C TRP A 371 -16.62 -4.76 13.11
N LEU A 372 -16.10 -3.55 13.03
CA LEU A 372 -15.66 -2.79 14.20
C LEU A 372 -16.88 -2.14 14.88
N ASP A 373 -18.08 -2.25 14.28
CA ASP A 373 -19.29 -1.58 14.73
C ASP A 373 -19.14 -0.06 14.73
N VAL A 374 -18.55 0.58 13.70
CA VAL A 374 -18.47 2.03 13.65
C VAL A 374 -18.81 2.46 12.23
N THR A 375 -19.15 3.72 12.07
CA THR A 375 -19.42 4.20 10.74
C THR A 375 -18.16 4.84 10.15
N ALA A 376 -17.25 5.32 10.98
CA ALA A 376 -16.05 6.00 10.48
C ALA A 376 -15.04 6.04 11.64
N THR A 377 -13.76 6.33 11.31
CA THR A 377 -12.71 6.39 12.31
C THR A 377 -11.75 7.48 11.86
N ALA A 378 -10.82 7.85 12.74
CA ALA A 378 -9.76 8.78 12.41
C ALA A 378 -8.47 7.93 12.39
N ARG A 379 -7.49 8.36 11.57
CA ARG A 379 -6.26 7.57 11.52
C ARG A 379 -5.05 8.50 11.43
N ALA A 380 -4.09 8.29 12.31
CA ALA A 380 -2.77 8.94 12.22
C ALA A 380 -1.78 7.86 11.79
N SER A 381 -1.07 8.13 10.66
CA SER A 381 -0.16 7.09 10.16
C SER A 381 1.22 7.70 9.97
N PHE A 382 2.29 6.90 10.14
CA PHE A 382 3.61 7.45 10.31
C PHE A 382 4.51 7.01 9.15
N TYR A 383 5.66 7.68 9.00
CA TYR A 383 6.69 7.17 8.09
C TYR A 383 8.05 7.67 8.60
N LEU A 384 9.09 7.55 7.77
CA LEU A 384 10.48 7.71 8.20
C LEU A 384 10.80 9.15 8.58
N TYR A 385 9.94 10.09 8.20
CA TYR A 385 10.24 11.47 8.52
C TYR A 385 9.47 11.95 9.77
N ASN A 386 8.72 11.06 10.45
CA ASN A 386 7.94 11.55 11.60
C ASN A 386 8.68 11.27 12.91
N THR A 387 8.28 12.05 13.95
CA THR A 387 9.03 12.01 15.20
C THR A 387 8.06 11.88 16.37
N GLU A 388 8.65 11.52 17.54
CA GLU A 388 7.81 11.45 18.73
C GLU A 388 7.30 12.82 19.14
N GLU A 389 7.98 13.90 18.84
CA GLU A 389 7.46 15.22 19.12
C GLU A 389 6.17 15.46 18.36
N GLU A 390 6.08 14.92 17.10
CA GLU A 390 4.81 15.09 16.39
C GLU A 390 3.71 14.24 17.00
N ILE A 391 4.05 13.06 17.57
CA ILE A 391 3.05 12.30 18.28
C ILE A 391 2.58 13.07 19.57
N ASP A 392 3.50 13.72 20.23
CA ASP A 392 3.11 14.56 21.37
C ASP A 392 2.12 15.62 20.91
N LYS A 393 2.40 16.30 19.77
CA LYS A 393 1.47 17.29 19.32
C LYS A 393 0.11 16.72 19.07
N LEU A 394 0.08 15.50 18.45
CA LEU A 394 -1.19 14.89 18.15
C LEU A 394 -1.96 14.61 19.46
N VAL A 395 -1.29 13.99 20.45
CA VAL A 395 -2.08 13.61 21.64
C VAL A 395 -2.48 14.86 22.43
N GLU A 396 -1.66 15.90 22.39
CA GLU A 396 -2.05 17.15 23.08
C GLU A 396 -3.26 17.76 22.36
N ALA A 397 -3.30 17.71 21.01
CA ALA A 397 -4.45 18.25 20.28
C ALA A 397 -5.68 17.40 20.51
N LEU A 398 -5.53 16.05 20.67
CA LEU A 398 -6.72 15.25 20.92
C LEU A 398 -7.29 15.61 22.30
N GLN A 399 -6.40 15.85 23.28
CA GLN A 399 -6.84 16.22 24.62
C GLN A 399 -7.60 17.56 24.56
N LYS A 400 -7.04 18.54 23.82
CA LYS A 400 -7.75 19.80 23.71
C LYS A 400 -9.04 19.69 22.90
N THR A 401 -9.13 18.74 21.98
CA THR A 401 -10.34 18.50 21.19
C THR A 401 -11.44 17.96 22.11
N LYS A 402 -11.10 16.96 22.92
CA LYS A 402 -11.99 16.41 23.93
C LYS A 402 -12.52 17.54 24.83
N GLU A 403 -11.60 18.40 25.29
CA GLU A 403 -12.02 19.41 26.24
C GLU A 403 -12.92 20.40 25.51
N TYR A 404 -12.56 20.78 24.28
CA TYR A 404 -13.34 21.75 23.52
C TYR A 404 -14.77 21.27 23.29
N PHE A 405 -14.94 20.03 22.80
CA PHE A 405 -16.29 19.53 22.50
C PHE A 405 -17.10 19.36 23.80
N THR A 406 -16.45 18.96 24.89
CA THR A 406 -17.20 18.85 26.13
C THR A 406 -17.64 20.24 26.60
N ASN A 407 -16.79 21.25 26.43
CA ASN A 407 -17.14 22.63 26.77
C ASN A 407 -18.32 23.12 25.94
N VAL A 408 -18.33 22.89 24.61
CA VAL A 408 -19.45 23.43 23.84
C VAL A 408 -20.73 22.70 24.27
N PHE A 409 -20.61 21.39 24.56
CA PHE A 409 -21.73 20.61 25.08
C PHE A 409 -22.32 21.26 26.34
N VAL A 410 -21.43 21.58 27.29
CA VAL A 410 -21.81 22.10 28.60
C VAL A 410 -22.44 23.50 28.41
N ASP A 411 -21.84 24.35 27.56
CA ASP A 411 -22.36 25.68 27.33
C ASP A 411 -23.77 25.62 26.74
N LEU A 412 -23.91 24.80 25.69
CA LEU A 412 -25.20 24.63 25.03
C LEU A 412 -26.22 24.04 26.01
N GLU A 413 -25.76 23.33 27.04
CA GLU A 413 -26.67 22.72 28.02
C GLU A 413 -27.69 23.71 28.59
N HIS A 414 -27.35 25.00 28.88
CA HIS A 414 -28.43 25.93 29.22
C HIS A 414 -29.19 26.40 27.97
N HIS A 415 -28.46 26.60 26.87
CA HIS A 415 -28.92 27.41 25.75
C HIS A 415 -28.60 28.88 26.03
#